data_3KMC
#
_entry.id   3KMC
#
_cell.length_a   74.313
_cell.length_b   76.103
_cell.length_c   103.768
_cell.angle_alpha   90.00
_cell.angle_beta   90.00
_cell.angle_gamma   90.00
#
_symmetry.space_group_name_H-M   'P 21 21 21'
#
loop_
_entity.id
_entity.type
_entity.pdbx_description
1 polymer 'TNF-alpha-converting enzyme'
2 non-polymer 'ZINC ION'
3 non-polymer N-{(2R)-2-[2-(hydroxyamino)-2-oxoethyl]-4-methylpentanoyl}-3-methyl-L-valyl-N-(2-aminoethyl)-L-alaninamide
4 non-polymer (2R,3R)-4-[4-(2-chlorophenyl)piperazin-1-yl]-2,3-dihydroxy-4-oxo-N-(2-thiophen-2-ylethyl)butanamide
5 water water
#
_entity_poly.entity_id   1
_entity_poly.type   'polypeptide(L)'
_entity_poly.pdbx_seq_one_letter_code
;RADPDPMKNTCKLLVVADHRFYRYMGRGEESTTTNYLIELIDRVDDIYRNTAWDNAGFKGYGIQIEQIRILKSPQEVKPG
EKHYNMAKSYPNEEKDAWDVKMLLEQFSFDIAEEASKVCLAHLFTYQDFDMGTLGLAYGGSPRANSHGGVCPKAYYSPVG
KKNIYLNSGLTSTKNYGKTILTKEADLVTTHELGHNFGAEHDPDGLAECAPNEDQGGKYVMYPIAVSGDHENNKMFSQCS
KQSIYKTIESKAQECFQERSNKGSHHHHHH
;
_entity_poly.pdbx_strand_id   A,B
#
loop_
_chem_comp.id
_chem_comp.type
_chem_comp.name
_chem_comp.formula
403 non-polymer (2R,3R)-4-[4-(2-chlorophenyl)piperazin-1-yl]-2,3-dihydroxy-4-oxo-N-(2-thiophen-2-ylethyl)butanamide 'C20 H24 Cl N3 O4 S'
INN peptide-like N-{(2R)-2-[2-(hydroxyamino)-2-oxoethyl]-4-methylpentanoyl}-3-methyl-L-valyl-N-(2-aminoethyl)-L-alaninamide 'C19 H37 N5 O5'
ZN non-polymer 'ZINC ION' 'Zn 2'
#
# COMPACT_ATOMS: atom_id res chain seq x y z
N PRO A 4 1.28 1.30 -6.16
CA PRO A 4 0.38 1.27 -7.33
C PRO A 4 1.05 1.85 -8.58
N ASP A 5 1.00 1.11 -9.70
CA ASP A 5 1.60 1.53 -10.96
C ASP A 5 0.55 2.23 -11.84
N PRO A 6 0.58 3.60 -11.95
CA PRO A 6 -0.40 4.29 -12.82
C PRO A 6 -0.32 3.91 -14.31
N MET A 7 0.81 3.28 -14.72
CA MET A 7 1.04 2.79 -16.08
C MET A 7 0.38 1.40 -16.26
N LYS A 8 0.06 0.71 -15.14
CA LYS A 8 -0.52 -0.63 -15.16
C LYS A 8 -1.62 -0.78 -14.07
N ASN A 9 -2.63 0.10 -14.10
CA ASN A 9 -3.71 0.07 -13.08
C ASN A 9 -5.13 -0.17 -13.65
N THR A 10 -5.24 -0.32 -14.97
CA THR A 10 -6.53 -0.49 -15.64
C THR A 10 -6.67 -1.83 -16.35
N CYS A 11 -7.77 -2.52 -16.09
CA CYS A 11 -8.10 -3.77 -16.76
C CYS A 11 -8.99 -3.40 -17.95
N LYS A 12 -8.44 -3.46 -19.19
CA LYS A 12 -9.17 -3.13 -20.42
C LYS A 12 -10.15 -4.25 -20.72
N LEU A 13 -11.37 -3.90 -21.16
CA LEU A 13 -12.43 -4.88 -21.39
C LEU A 13 -12.87 -4.97 -22.82
N LEU A 14 -13.22 -6.19 -23.27
CA LEU A 14 -13.91 -6.39 -24.52
C LEU A 14 -15.34 -6.57 -24.03
N VAL A 15 -16.24 -5.73 -24.47
CA VAL A 15 -17.63 -5.81 -24.03
C VAL A 15 -18.39 -6.29 -25.21
N VAL A 16 -19.20 -7.33 -25.01
CA VAL A 16 -20.02 -7.89 -26.08
C VAL A 16 -21.51 -7.72 -25.74
N ALA A 17 -22.29 -7.14 -26.63
CA ALA A 17 -23.74 -7.07 -26.48
C ALA A 17 -24.30 -8.08 -27.50
N ASP A 18 -25.04 -9.09 -27.02
CA ASP A 18 -25.60 -10.06 -27.98
C ASP A 18 -26.85 -9.49 -28.65
N HIS A 19 -27.46 -10.22 -29.60
CA HIS A 19 -28.66 -9.78 -30.31
C HIS A 19 -29.85 -9.50 -29.37
N ARG A 20 -29.93 -10.24 -28.25
CA ARG A 20 -31.01 -10.06 -27.26
C ARG A 20 -30.85 -8.73 -26.55
N PHE A 21 -29.61 -8.43 -26.13
CA PHE A 21 -29.33 -7.17 -25.47
C PHE A 21 -29.63 -6.02 -26.43
N TYR A 22 -29.14 -6.11 -27.69
CA TYR A 22 -29.35 -5.10 -28.75
C TYR A 22 -30.85 -4.80 -28.97
N ARG A 23 -31.65 -5.86 -29.17
CA ARG A 23 -33.09 -5.78 -29.40
C ARG A 23 -33.84 -5.22 -28.19
N TYR A 24 -33.61 -5.78 -27.01
CA TYR A 24 -34.35 -5.38 -25.84
C TYR A 24 -33.88 -4.19 -25.07
N MET A 25 -32.57 -4.04 -24.91
CA MET A 25 -32.01 -2.94 -24.13
C MET A 25 -31.63 -1.77 -25.02
N GLY A 26 -31.12 -2.08 -26.21
CA GLY A 26 -30.69 -1.05 -27.15
C GLY A 26 -31.75 -0.63 -28.14
N ARG A 27 -32.97 -1.24 -28.04
CA ARG A 27 -34.15 -0.98 -28.87
C ARG A 27 -33.84 -0.99 -30.40
N GLY A 28 -32.96 -1.90 -30.79
CA GLY A 28 -32.51 -2.04 -32.17
C GLY A 28 -31.61 -0.91 -32.63
N GLU A 29 -31.02 -0.15 -31.68
CA GLU A 29 -30.10 0.97 -31.99
C GLU A 29 -28.74 0.80 -31.34
N GLU A 30 -27.68 1.03 -32.13
CA GLU A 30 -26.30 0.91 -31.68
C GLU A 30 -25.94 1.96 -30.65
N SER A 31 -26.36 3.23 -30.89
CA SER A 31 -26.04 4.34 -29.98
C SER A 31 -26.64 4.09 -28.59
N THR A 32 -27.89 3.62 -28.54
CA THR A 32 -28.61 3.30 -27.31
C THR A 32 -27.89 2.14 -26.62
N THR A 33 -27.47 1.12 -27.40
CA THR A 33 -26.75 -0.05 -26.87
C THR A 33 -25.41 0.38 -26.24
N THR A 34 -24.58 1.11 -26.99
CA THR A 34 -23.25 1.51 -26.54
C THR A 34 -23.29 2.51 -25.39
N ASN A 35 -24.24 3.49 -25.44
CA ASN A 35 -24.33 4.48 -24.37
C ASN A 35 -24.64 3.79 -23.03
N TYR A 36 -25.55 2.82 -23.05
CA TYR A 36 -25.94 2.09 -21.85
C TYR A 36 -24.71 1.43 -21.23
N LEU A 37 -23.93 0.72 -22.07
CA LEU A 37 -22.75 -0.03 -21.65
C LEU A 37 -21.61 0.86 -21.22
N ILE A 38 -21.36 1.97 -21.95
CA ILE A 38 -20.33 2.96 -21.60
C ILE A 38 -20.63 3.54 -20.22
N GLU A 39 -21.88 3.94 -19.97
CA GLU A 39 -22.21 4.55 -18.67
C GLU A 39 -22.16 3.55 -17.53
N LEU A 40 -22.63 2.31 -17.79
CA LEU A 40 -22.59 1.24 -16.79
C LEU A 40 -21.13 0.94 -16.34
N ILE A 41 -20.22 0.71 -17.31
CA ILE A 41 -18.84 0.42 -16.97
C ILE A 41 -18.17 1.56 -16.20
N ASP A 42 -18.50 2.81 -16.56
CA ASP A 42 -17.95 3.99 -15.91
C ASP A 42 -18.43 4.05 -14.46
N ARG A 43 -19.73 3.76 -14.21
CA ARG A 43 -20.19 3.73 -12.81
C ARG A 43 -19.56 2.57 -12.02
N VAL A 44 -19.40 1.40 -12.64
CA VAL A 44 -18.74 0.25 -12.00
C VAL A 44 -17.30 0.65 -11.75
N ASP A 45 -16.66 1.30 -12.73
CA ASP A 45 -15.27 1.77 -12.58
C ASP A 45 -15.10 2.64 -11.35
N ASP A 46 -16.07 3.55 -11.06
CA ASP A 46 -16.03 4.41 -9.86
C ASP A 46 -15.95 3.61 -8.58
N ILE A 47 -16.63 2.45 -8.52
CA ILE A 47 -16.60 1.61 -7.32
C ILE A 47 -15.18 1.05 -7.16
N TYR A 48 -14.65 0.50 -8.25
CA TYR A 48 -13.34 -0.12 -8.26
C TYR A 48 -12.23 0.87 -7.97
N ARG A 49 -12.20 1.98 -8.71
CA ARG A 49 -11.16 3.01 -8.61
C ARG A 49 -11.08 3.60 -7.19
N ASN A 50 -12.25 3.76 -6.53
CA ASN A 50 -12.30 4.30 -5.15
C ASN A 50 -11.97 3.29 -4.05
N THR A 51 -11.87 1.98 -4.38
CA THR A 51 -11.58 0.95 -3.39
C THR A 51 -10.09 0.90 -3.07
N ALA A 52 -9.76 0.96 -1.78
CA ALA A 52 -8.40 0.81 -1.26
C ALA A 52 -8.30 -0.66 -0.84
N TRP A 53 -7.64 -1.49 -1.68
CA TRP A 53 -7.55 -2.93 -1.49
C TRP A 53 -6.83 -3.37 -0.22
N ASP A 54 -5.89 -2.53 0.27
CA ASP A 54 -5.10 -2.74 1.48
C ASP A 54 -5.59 -1.86 2.65
N ASN A 55 -6.70 -1.10 2.44
CA ASN A 55 -7.30 -0.15 3.38
C ASN A 55 -6.41 1.05 3.67
N ALA A 56 -5.46 1.32 2.76
CA ALA A 56 -4.51 2.43 2.86
C ALA A 56 -4.44 3.17 1.52
N GLY A 57 -3.32 3.05 0.82
CA GLY A 57 -3.10 3.75 -0.44
C GLY A 57 -3.14 2.90 -1.70
N PHE A 58 -3.46 1.60 -1.57
CA PHE A 58 -3.51 0.78 -2.76
C PHE A 58 -4.88 0.89 -3.41
N LYS A 59 -5.07 1.99 -4.16
CA LYS A 59 -6.32 2.33 -4.84
C LYS A 59 -6.05 2.91 -6.22
N GLY A 60 -7.11 3.14 -6.97
CA GLY A 60 -7.01 3.70 -8.30
C GLY A 60 -6.97 2.64 -9.37
N TYR A 61 -7.29 1.39 -8.97
CA TYR A 61 -7.36 0.21 -9.83
C TYR A 61 -8.77 0.10 -10.36
N GLY A 62 -8.91 0.02 -11.67
CA GLY A 62 -10.23 0.00 -12.28
C GLY A 62 -10.31 -0.67 -13.61
N ILE A 63 -11.35 -0.33 -14.35
CA ILE A 63 -11.70 -0.94 -15.62
C ILE A 63 -12.05 0.09 -16.66
N GLN A 64 -11.79 -0.25 -17.94
CA GLN A 64 -12.14 0.60 -19.08
C GLN A 64 -12.46 -0.23 -20.28
N ILE A 65 -13.46 0.19 -21.08
CA ILE A 65 -13.80 -0.56 -22.28
C ILE A 65 -12.73 -0.29 -23.34
N GLU A 66 -12.20 -1.36 -23.96
CA GLU A 66 -11.27 -1.29 -25.08
C GLU A 66 -12.13 -1.33 -26.36
N GLN A 67 -13.11 -2.23 -26.39
CA GLN A 67 -13.95 -2.39 -27.57
C GLN A 67 -15.32 -2.87 -27.14
N ILE A 68 -16.37 -2.45 -27.87
CA ILE A 68 -17.73 -2.94 -27.73
C ILE A 68 -18.11 -3.61 -29.03
N ARG A 69 -18.39 -4.92 -28.97
CA ARG A 69 -18.87 -5.64 -30.14
C ARG A 69 -20.40 -5.68 -29.99
N ILE A 70 -21.11 -5.30 -31.04
CA ILE A 70 -22.56 -5.25 -31.01
C ILE A 70 -23.06 -6.28 -32.01
N LEU A 71 -23.73 -7.33 -31.52
CA LEU A 71 -24.27 -8.35 -32.41
C LEU A 71 -25.73 -8.00 -32.63
N LYS A 72 -26.01 -7.44 -33.81
CA LYS A 72 -27.34 -6.93 -34.16
C LYS A 72 -28.36 -8.01 -34.47
N SER A 73 -27.91 -9.18 -34.91
CA SER A 73 -28.81 -10.27 -35.23
C SER A 73 -28.30 -11.63 -34.69
N PRO A 74 -29.17 -12.66 -34.55
CA PRO A 74 -28.69 -13.97 -34.07
C PRO A 74 -27.61 -14.58 -34.94
N GLN A 75 -26.76 -15.42 -34.35
CA GLN A 75 -25.71 -16.09 -35.10
C GLN A 75 -26.35 -17.33 -35.74
N GLU A 76 -26.31 -17.43 -37.07
CA GLU A 76 -26.88 -18.60 -37.73
C GLU A 76 -25.98 -19.79 -37.49
N VAL A 77 -26.58 -20.93 -37.14
CA VAL A 77 -25.86 -22.16 -36.81
C VAL A 77 -26.36 -23.31 -37.70
N LYS A 78 -25.49 -24.31 -37.91
CA LYS A 78 -25.74 -25.56 -38.62
C LYS A 78 -26.48 -26.48 -37.64
N PRO A 79 -27.35 -27.43 -38.09
CA PRO A 79 -28.04 -28.28 -37.11
C PRO A 79 -27.05 -28.98 -36.18
N GLY A 80 -27.31 -28.87 -34.88
CA GLY A 80 -26.44 -29.44 -33.85
C GLY A 80 -25.28 -28.56 -33.41
N GLU A 81 -24.96 -27.50 -34.19
CA GLU A 81 -23.90 -26.55 -33.85
C GLU A 81 -24.47 -25.47 -32.88
N LYS A 82 -23.66 -25.01 -31.93
CA LYS A 82 -24.07 -23.98 -30.98
C LYS A 82 -23.13 -22.78 -30.94
N HIS A 83 -23.65 -21.61 -30.57
CA HIS A 83 -22.93 -20.34 -30.51
C HIS A 83 -23.64 -19.49 -29.46
N TYR A 84 -22.90 -18.77 -28.62
CA TYR A 84 -23.50 -17.92 -27.58
C TYR A 84 -24.52 -16.90 -28.09
N ASN A 85 -24.41 -16.51 -29.37
CA ASN A 85 -25.29 -15.54 -29.99
C ASN A 85 -26.36 -16.17 -30.90
N MET A 86 -26.52 -17.49 -30.85
CA MET A 86 -27.58 -18.13 -31.66
C MET A 86 -28.97 -17.70 -31.16
N ALA A 87 -30.02 -17.86 -31.99
CA ALA A 87 -31.39 -17.46 -31.66
C ALA A 87 -31.93 -18.22 -30.47
N LYS A 88 -31.84 -19.55 -30.52
CA LYS A 88 -32.36 -20.44 -29.50
C LYS A 88 -31.50 -20.52 -28.26
N SER A 89 -32.18 -20.73 -27.11
CA SER A 89 -31.56 -20.99 -25.82
C SER A 89 -31.05 -22.45 -25.86
N TYR A 90 -30.01 -22.74 -25.08
CA TYR A 90 -29.42 -24.05 -24.97
C TYR A 90 -29.20 -24.39 -23.48
N PRO A 91 -29.49 -25.62 -23.02
CA PRO A 91 -29.92 -26.83 -23.76
C PRO A 91 -31.41 -26.95 -24.07
N ASN A 92 -32.24 -26.10 -23.47
CA ASN A 92 -33.70 -26.16 -23.62
C ASN A 92 -34.17 -24.98 -24.46
N GLU A 93 -34.47 -25.23 -25.73
CA GLU A 93 -34.92 -24.18 -26.65
C GLU A 93 -36.28 -23.60 -26.28
N GLU A 94 -37.05 -24.31 -25.42
CA GLU A 94 -38.39 -23.88 -25.00
C GLU A 94 -38.32 -22.82 -23.90
N LYS A 95 -37.16 -22.71 -23.21
CA LYS A 95 -36.93 -21.74 -22.14
C LYS A 95 -36.42 -20.42 -22.72
N ASP A 96 -36.72 -19.30 -22.03
CA ASP A 96 -36.27 -17.95 -22.44
C ASP A 96 -34.74 -17.86 -22.41
N ALA A 97 -34.11 -18.58 -21.48
CA ALA A 97 -32.67 -18.52 -21.32
C ALA A 97 -31.91 -19.82 -21.46
N TRP A 98 -30.59 -19.69 -21.62
CA TRP A 98 -29.63 -20.77 -21.61
C TRP A 98 -29.46 -21.19 -20.16
N ASP A 99 -28.83 -22.36 -19.94
CA ASP A 99 -28.35 -22.74 -18.62
C ASP A 99 -27.16 -21.75 -18.50
N VAL A 100 -27.07 -20.96 -17.41
CA VAL A 100 -26.04 -19.92 -17.24
C VAL A 100 -24.60 -20.41 -17.37
N LYS A 101 -24.29 -21.56 -16.74
CA LYS A 101 -22.96 -22.16 -16.78
C LYS A 101 -22.55 -22.53 -18.21
N MET A 102 -23.46 -23.18 -18.97
CA MET A 102 -23.19 -23.54 -20.36
C MET A 102 -23.05 -22.30 -21.25
N LEU A 103 -23.84 -21.23 -20.96
CA LEU A 103 -23.70 -19.99 -21.73
C LEU A 103 -22.31 -19.36 -21.55
N LEU A 104 -21.79 -19.31 -20.31
CA LEU A 104 -20.47 -18.72 -20.07
C LEU A 104 -19.39 -19.53 -20.78
N GLU A 105 -19.49 -20.87 -20.70
CA GLU A 105 -18.52 -21.77 -21.38
C GLU A 105 -18.53 -21.50 -22.86
N GLN A 106 -19.75 -21.40 -23.45
CA GLN A 106 -19.93 -21.18 -24.88
C GLN A 106 -19.36 -19.83 -25.30
N PHE A 107 -19.66 -18.78 -24.55
CA PHE A 107 -19.16 -17.45 -24.84
C PHE A 107 -17.62 -17.49 -24.88
N SER A 108 -17.01 -18.07 -23.84
CA SER A 108 -15.54 -18.18 -23.68
C SER A 108 -14.92 -18.94 -24.84
N PHE A 109 -15.62 -19.99 -25.32
CA PHE A 109 -15.19 -20.78 -26.46
C PHE A 109 -15.20 -19.92 -27.71
N ASP A 110 -16.34 -19.30 -28.02
CA ASP A 110 -16.50 -18.50 -29.23
C ASP A 110 -15.66 -17.26 -29.29
N ILE A 111 -15.31 -16.67 -28.13
CA ILE A 111 -14.55 -15.43 -28.07
C ILE A 111 -13.06 -15.65 -27.78
N ALA A 112 -12.60 -16.92 -27.74
CA ALA A 112 -11.22 -17.26 -27.36
C ALA A 112 -10.10 -16.42 -27.94
N GLU A 113 -10.08 -16.25 -29.28
CA GLU A 113 -9.03 -15.47 -29.99
C GLU A 113 -8.99 -14.02 -29.50
N GLU A 114 -10.16 -13.37 -29.43
CA GLU A 114 -10.31 -12.00 -28.93
C GLU A 114 -9.93 -11.92 -27.46
N ALA A 115 -10.40 -12.89 -26.64
CA ALA A 115 -10.14 -12.89 -25.19
C ALA A 115 -8.68 -12.99 -24.81
N SER A 116 -7.85 -13.64 -25.66
CA SER A 116 -6.41 -13.76 -25.39
C SER A 116 -5.68 -12.41 -25.43
N LYS A 117 -6.31 -11.40 -26.06
CA LYS A 117 -5.70 -10.08 -26.26
C LYS A 117 -6.18 -8.99 -25.28
N VAL A 118 -7.06 -9.34 -24.33
CA VAL A 118 -7.66 -8.42 -23.34
C VAL A 118 -7.57 -8.96 -21.94
N CYS A 119 -7.65 -8.05 -20.97
CA CYS A 119 -7.68 -8.37 -19.57
C CYS A 119 -8.96 -9.17 -19.28
N LEU A 120 -10.14 -8.67 -19.73
CA LEU A 120 -11.41 -9.40 -19.53
C LEU A 120 -12.34 -9.23 -20.70
N ALA A 121 -13.17 -10.25 -20.92
CA ALA A 121 -14.24 -10.18 -21.90
C ALA A 121 -15.50 -10.32 -21.04
N HIS A 122 -16.53 -9.54 -21.36
CA HIS A 122 -17.78 -9.62 -20.60
C HIS A 122 -18.91 -9.57 -21.58
N LEU A 123 -19.87 -10.48 -21.43
CA LEU A 123 -21.02 -10.56 -22.30
C LEU A 123 -22.19 -9.88 -21.60
N PHE A 124 -22.91 -9.05 -22.34
CA PHE A 124 -24.16 -8.48 -21.83
C PHE A 124 -25.29 -9.08 -22.62
N THR A 125 -26.24 -9.66 -21.92
CA THR A 125 -27.36 -10.33 -22.58
C THR A 125 -28.68 -9.88 -21.96
N TYR A 126 -29.78 -10.42 -22.47
CA TYR A 126 -31.10 -10.10 -21.95
C TYR A 126 -31.90 -11.39 -22.00
N GLN A 127 -31.78 -12.20 -20.98
CA GLN A 127 -32.48 -13.48 -20.93
C GLN A 127 -32.77 -13.85 -19.49
N ASP A 128 -33.93 -14.43 -19.24
CA ASP A 128 -34.35 -14.74 -17.90
C ASP A 128 -33.85 -16.05 -17.36
N PHE A 129 -32.65 -16.01 -16.70
CA PHE A 129 -32.06 -17.20 -16.09
C PHE A 129 -32.94 -17.73 -15.02
N ASP A 130 -33.10 -19.05 -15.01
CA ASP A 130 -33.93 -19.75 -14.03
C ASP A 130 -33.52 -19.35 -12.61
N MET A 131 -34.50 -19.26 -11.71
CA MET A 131 -34.29 -19.00 -10.28
C MET A 131 -33.59 -17.72 -9.88
N GLY A 132 -33.83 -16.64 -10.63
CA GLY A 132 -33.30 -15.33 -10.27
C GLY A 132 -31.82 -15.05 -10.48
N THR A 133 -31.12 -15.94 -11.19
CA THR A 133 -29.70 -15.75 -11.51
C THR A 133 -29.54 -14.55 -12.42
N LEU A 134 -28.58 -13.66 -12.11
CA LEU A 134 -28.37 -12.47 -12.92
C LEU A 134 -27.04 -12.45 -13.70
N GLY A 135 -26.08 -13.25 -13.26
CA GLY A 135 -24.80 -13.32 -13.93
C GLY A 135 -23.94 -14.49 -13.48
N LEU A 136 -22.75 -14.58 -14.09
CA LEU A 136 -21.76 -15.62 -13.81
C LEU A 136 -20.40 -15.16 -14.22
N ALA A 137 -19.34 -15.62 -13.51
CA ALA A 137 -17.98 -15.25 -13.90
C ALA A 137 -16.98 -16.30 -13.45
N TYR A 138 -15.82 -16.38 -14.13
CA TYR A 138 -14.75 -17.26 -13.68
C TYR A 138 -13.90 -16.47 -12.73
N GLY A 139 -13.31 -17.18 -11.77
CA GLY A 139 -12.49 -16.59 -10.72
C GLY A 139 -13.33 -16.52 -9.47
N GLY A 140 -12.68 -16.49 -8.32
CA GLY A 140 -13.37 -16.39 -7.05
C GLY A 140 -14.44 -17.43 -6.78
N SER A 141 -14.23 -18.66 -7.24
CA SER A 141 -15.12 -19.79 -6.97
C SER A 141 -14.43 -20.74 -5.96
N PRO A 142 -15.13 -21.27 -4.93
CA PRO A 142 -14.46 -22.16 -3.97
C PRO A 142 -14.55 -23.65 -4.35
N ASN A 145 -11.53 -27.29 -8.04
CA ASN A 145 -10.48 -27.14 -9.06
C ASN A 145 -10.74 -26.00 -10.06
N SER A 146 -11.58 -25.02 -9.65
CA SER A 146 -11.98 -23.85 -10.45
C SER A 146 -10.86 -22.81 -10.57
N HIS A 147 -10.78 -22.13 -11.74
CA HIS A 147 -9.78 -21.09 -12.05
C HIS A 147 -10.38 -20.00 -12.96
N GLY A 148 -9.62 -18.95 -13.23
CA GLY A 148 -10.03 -17.88 -14.12
C GLY A 148 -10.04 -16.49 -13.52
N GLY A 149 -10.52 -15.53 -14.31
CA GLY A 149 -10.61 -14.14 -13.88
C GLY A 149 -9.68 -13.26 -14.67
N VAL A 150 -9.27 -12.09 -14.10
CA VAL A 150 -8.41 -11.13 -14.81
C VAL A 150 -7.17 -11.77 -15.42
N CYS A 151 -6.82 -11.35 -16.66
CA CYS A 151 -5.66 -11.80 -17.46
C CYS A 151 -5.93 -13.17 -18.06
N PRO A 152 -5.91 -13.30 -19.40
CA PRO A 152 -6.27 -14.59 -20.00
C PRO A 152 -5.43 -15.75 -19.47
N LYS A 153 -6.13 -16.80 -19.03
CA LYS A 153 -5.52 -18.04 -18.53
C LYS A 153 -6.13 -19.13 -19.42
N ALA A 154 -5.27 -19.85 -20.12
CA ALA A 154 -5.67 -20.91 -21.01
C ALA A 154 -6.27 -22.11 -20.26
N TYR A 155 -7.24 -22.75 -20.89
CA TYR A 155 -7.83 -23.98 -20.42
C TYR A 155 -8.02 -24.80 -21.67
N TYR A 156 -7.44 -26.00 -21.72
CA TYR A 156 -7.64 -26.83 -22.90
C TYR A 156 -8.97 -27.52 -22.75
N SER A 157 -9.86 -27.22 -23.69
CA SER A 157 -11.21 -27.79 -23.72
C SER A 157 -11.15 -29.13 -24.42
N PRO A 158 -11.29 -30.28 -23.70
CA PRO A 158 -11.25 -31.59 -24.38
C PRO A 158 -12.38 -31.75 -25.40
N VAL A 159 -13.52 -31.09 -25.13
CA VAL A 159 -14.70 -31.06 -25.99
C VAL A 159 -14.47 -30.10 -27.17
N GLY A 160 -13.95 -28.91 -26.87
CA GLY A 160 -13.67 -27.90 -27.87
C GLY A 160 -12.47 -28.16 -28.76
N LYS A 161 -11.51 -28.97 -28.25
CA LYS A 161 -10.25 -29.37 -28.91
C LYS A 161 -9.31 -28.20 -29.16
N LYS A 162 -9.38 -27.18 -28.29
CA LYS A 162 -8.56 -25.98 -28.39
C LYS A 162 -8.55 -25.30 -27.03
N ASN A 163 -7.63 -24.37 -26.86
CA ASN A 163 -7.50 -23.58 -25.66
C ASN A 163 -8.58 -22.50 -25.70
N ILE A 164 -9.23 -22.30 -24.56
CA ILE A 164 -10.20 -21.25 -24.29
C ILE A 164 -9.58 -20.44 -23.13
N TYR A 165 -10.07 -19.22 -22.91
CA TYR A 165 -9.51 -18.40 -21.81
C TYR A 165 -10.58 -18.12 -20.81
N LEU A 166 -10.22 -18.20 -19.54
CA LEU A 166 -11.11 -18.05 -18.39
C LEU A 166 -11.26 -16.61 -17.87
N ASN A 167 -10.91 -15.62 -18.70
CA ASN A 167 -10.98 -14.20 -18.33
C ASN A 167 -12.34 -13.63 -18.79
N SER A 168 -13.41 -14.27 -18.36
CA SER A 168 -14.75 -13.92 -18.83
C SER A 168 -15.82 -13.92 -17.77
N GLY A 169 -16.93 -13.29 -18.13
CA GLY A 169 -18.07 -13.14 -17.26
C GLY A 169 -19.24 -12.68 -18.06
N LEU A 170 -20.43 -12.72 -17.46
CA LEU A 170 -21.62 -12.29 -18.16
C LEU A 170 -22.60 -11.63 -17.22
N THR A 171 -23.43 -10.74 -17.75
CA THR A 171 -24.48 -10.02 -17.02
C THR A 171 -25.76 -10.10 -17.85
N SER A 172 -26.90 -10.43 -17.22
CA SER A 172 -28.18 -10.32 -17.90
C SER A 172 -28.92 -9.17 -17.24
N THR A 173 -29.62 -8.36 -18.04
CA THR A 173 -30.40 -7.24 -17.52
C THR A 173 -31.89 -7.58 -17.52
N LYS A 174 -32.21 -8.88 -17.63
CA LYS A 174 -33.59 -9.38 -17.52
C LYS A 174 -33.70 -10.31 -16.34
N ASN A 175 -34.77 -10.15 -15.54
CA ASN A 175 -35.02 -11.04 -14.42
C ASN A 175 -36.51 -11.03 -14.09
N TYR A 176 -37.10 -12.22 -14.01
CA TYR A 176 -38.53 -12.39 -13.68
C TYR A 176 -39.39 -11.55 -14.59
N GLY A 177 -39.17 -11.71 -15.89
CA GLY A 177 -39.94 -11.11 -16.97
C GLY A 177 -39.87 -9.60 -17.12
N LYS A 178 -38.87 -8.95 -16.51
CA LYS A 178 -38.71 -7.51 -16.64
C LYS A 178 -37.27 -7.05 -16.67
N THR A 179 -37.05 -5.89 -17.29
CA THR A 179 -35.72 -5.26 -17.32
C THR A 179 -35.42 -4.86 -15.90
N ILE A 180 -34.22 -5.20 -15.42
CA ILE A 180 -33.81 -4.77 -14.08
C ILE A 180 -33.51 -3.27 -14.06
N LEU A 181 -33.53 -2.64 -12.88
CA LEU A 181 -33.22 -1.20 -12.79
C LEU A 181 -31.75 -1.00 -13.11
N THR A 182 -31.35 0.18 -13.62
CA THR A 182 -29.92 0.41 -13.87
C THR A 182 -29.10 0.25 -12.56
N LYS A 183 -29.65 0.70 -11.38
CA LYS A 183 -28.93 0.56 -10.11
C LYS A 183 -28.66 -0.91 -9.78
N GLU A 184 -29.55 -1.80 -10.25
CA GLU A 184 -29.44 -3.24 -10.07
C GLU A 184 -28.41 -3.83 -11.01
N ALA A 185 -28.43 -3.42 -12.31
CA ALA A 185 -27.50 -3.87 -13.35
C ALA A 185 -26.07 -3.53 -13.00
N ASP A 186 -25.85 -2.31 -12.47
CA ASP A 186 -24.53 -1.86 -12.04
C ASP A 186 -23.95 -2.83 -11.05
N LEU A 187 -24.79 -3.31 -10.12
CA LEU A 187 -24.32 -4.22 -9.10
C LEU A 187 -24.10 -5.63 -9.57
N VAL A 188 -24.83 -6.07 -10.63
CA VAL A 188 -24.58 -7.41 -11.19
C VAL A 188 -23.17 -7.42 -11.76
N THR A 189 -22.89 -6.46 -12.66
CA THR A 189 -21.59 -6.32 -13.31
C THR A 189 -20.48 -6.15 -12.30
N THR A 190 -20.71 -5.33 -11.23
CA THR A 190 -19.72 -5.16 -10.16
C THR A 190 -19.40 -6.50 -9.51
N HIS A 191 -20.45 -7.26 -9.11
CA HIS A 191 -20.33 -8.59 -8.53
C HIS A 191 -19.56 -9.58 -9.42
N GLU A 192 -19.93 -9.68 -10.71
CA GLU A 192 -19.30 -10.59 -11.68
C GLU A 192 -17.83 -10.22 -11.89
N LEU A 193 -17.53 -8.93 -12.10
CA LEU A 193 -16.14 -8.47 -12.21
C LEU A 193 -15.39 -8.67 -10.90
N GLY A 194 -16.14 -8.69 -9.78
CA GLY A 194 -15.61 -8.93 -8.45
C GLY A 194 -15.04 -10.33 -8.39
N HIS A 195 -15.83 -11.31 -8.86
CA HIS A 195 -15.35 -12.70 -8.96
C HIS A 195 -14.12 -12.72 -9.88
N ASN A 196 -14.16 -11.97 -11.02
CA ASN A 196 -13.02 -11.94 -11.97
C ASN A 196 -11.76 -11.39 -11.31
N PHE A 197 -11.92 -10.40 -10.44
CA PHE A 197 -10.82 -9.80 -9.68
C PHE A 197 -10.34 -10.69 -8.53
N GLY A 198 -11.08 -11.76 -8.26
CA GLY A 198 -10.67 -12.75 -7.28
C GLY A 198 -11.53 -12.91 -6.05
N ALA A 199 -12.65 -12.17 -5.92
CA ALA A 199 -13.45 -12.32 -4.71
C ALA A 199 -14.40 -13.49 -4.75
N GLU A 200 -14.56 -14.15 -3.61
CA GLU A 200 -15.58 -15.19 -3.43
C GLU A 200 -16.78 -14.49 -2.80
N HIS A 201 -17.88 -15.22 -2.54
CA HIS A 201 -19.04 -14.63 -1.91
C HIS A 201 -18.80 -14.34 -0.44
N ASP A 202 -19.43 -13.28 0.06
CA ASP A 202 -19.34 -12.93 1.48
C ASP A 202 -20.13 -13.92 2.31
N PRO A 203 -19.53 -14.46 3.39
CA PRO A 203 -20.25 -15.44 4.23
C PRO A 203 -21.06 -14.83 5.35
N ASP A 204 -22.21 -15.45 5.71
CA ASP A 204 -23.04 -15.01 6.82
C ASP A 204 -22.27 -15.07 8.15
N GLY A 205 -21.38 -16.06 8.25
CA GLY A 205 -20.54 -16.32 9.42
C GLY A 205 -19.57 -15.24 9.82
N LEU A 206 -19.32 -14.25 8.94
CA LEU A 206 -18.43 -13.12 9.23
C LEU A 206 -19.26 -11.83 9.13
N ALA A 207 -19.83 -11.40 10.26
CA ALA A 207 -20.68 -10.20 10.37
C ALA A 207 -20.06 -8.92 9.77
N GLU A 208 -18.74 -8.76 9.88
CA GLU A 208 -17.98 -7.65 9.31
C GLU A 208 -18.19 -7.61 7.78
N CYS A 209 -18.27 -8.80 7.16
CA CYS A 209 -18.46 -8.95 5.71
C CYS A 209 -19.90 -9.14 5.27
N ALA A 210 -20.82 -9.31 6.22
CA ALA A 210 -22.23 -9.47 5.90
C ALA A 210 -23.07 -8.74 6.96
N PRO A 211 -23.00 -7.39 7.02
CA PRO A 211 -23.76 -6.67 8.06
C PRO A 211 -25.29 -6.72 7.91
N ASN A 212 -25.99 -6.43 9.01
CA ASN A 212 -27.45 -6.39 9.06
C ASN A 212 -27.93 -5.11 8.37
N GLU A 213 -29.22 -5.04 8.03
CA GLU A 213 -29.83 -3.91 7.34
C GLU A 213 -29.65 -2.55 8.01
N ASP A 214 -29.69 -2.52 9.36
CA ASP A 214 -29.48 -1.28 10.13
C ASP A 214 -27.99 -0.88 10.23
N GLN A 215 -27.08 -1.76 9.77
CA GLN A 215 -25.65 -1.49 9.78
C GLN A 215 -25.07 -1.24 8.37
N GLY A 216 -25.93 -0.83 7.43
CA GLY A 216 -25.54 -0.51 6.06
C GLY A 216 -25.90 -1.55 5.01
N GLY A 217 -26.34 -2.71 5.48
CA GLY A 217 -26.74 -3.81 4.61
C GLY A 217 -25.56 -4.62 4.11
N LYS A 218 -25.81 -5.45 3.09
CA LYS A 218 -24.78 -6.33 2.58
C LYS A 218 -23.82 -5.62 1.62
N TYR A 219 -22.63 -6.22 1.39
CA TYR A 219 -21.65 -5.73 0.43
C TYR A 219 -21.93 -6.37 -0.93
N VAL A 220 -21.29 -5.85 -1.99
CA VAL A 220 -21.55 -6.31 -3.37
C VAL A 220 -21.32 -7.82 -3.64
N MET A 221 -20.39 -8.47 -2.91
CA MET A 221 -20.16 -9.92 -3.09
C MET A 221 -21.08 -10.85 -2.30
N TYR A 222 -22.17 -10.32 -1.70
CA TYR A 222 -23.12 -11.16 -1.00
C TYR A 222 -23.81 -12.04 -2.05
N PRO A 223 -24.11 -13.34 -1.76
CA PRO A 223 -24.67 -14.21 -2.83
C PRO A 223 -26.10 -13.88 -3.25
N ILE A 224 -26.87 -13.19 -2.41
CA ILE A 224 -28.25 -12.78 -2.72
C ILE A 224 -28.17 -11.34 -3.22
N ALA A 225 -28.73 -11.09 -4.42
CA ALA A 225 -28.72 -9.81 -5.13
C ALA A 225 -29.09 -8.60 -4.30
N VAL A 226 -28.28 -7.54 -4.44
CA VAL A 226 -28.43 -6.25 -3.77
C VAL A 226 -28.89 -5.17 -4.76
N SER A 227 -30.00 -4.49 -4.40
CA SER A 227 -30.58 -3.35 -5.12
C SER A 227 -29.96 -2.22 -4.33
N GLY A 228 -29.04 -1.47 -4.95
CA GLY A 228 -28.25 -0.40 -4.33
C GLY A 228 -28.85 0.59 -3.33
N ASP A 229 -30.00 0.26 -2.71
CA ASP A 229 -30.67 1.13 -1.73
C ASP A 229 -29.99 1.23 -0.36
N HIS A 230 -29.20 0.21 0.03
CA HIS A 230 -28.48 0.20 1.29
C HIS A 230 -27.04 0.64 1.07
N GLU A 231 -26.47 1.31 2.08
CA GLU A 231 -25.14 1.92 2.07
C GLU A 231 -24.00 1.04 1.57
N ASN A 232 -23.92 -0.19 2.07
CA ASN A 232 -22.84 -1.11 1.72
C ASN A 232 -22.95 -1.75 0.35
N ASN A 233 -24.15 -1.75 -0.23
CA ASN A 233 -24.46 -2.40 -1.50
C ASN A 233 -23.50 -2.13 -2.64
N LYS A 234 -23.00 -0.88 -2.74
CA LYS A 234 -22.08 -0.45 -3.80
C LYS A 234 -20.62 -0.45 -3.33
N MET A 235 -20.30 -1.29 -2.32
CA MET A 235 -18.95 -1.38 -1.80
C MET A 235 -18.49 -2.84 -1.67
N PHE A 236 -17.18 -3.04 -1.66
CA PHE A 236 -16.57 -4.35 -1.41
C PHE A 236 -16.32 -4.50 0.10
N SER A 237 -16.68 -5.67 0.65
CA SER A 237 -16.45 -6.03 2.04
C SER A 237 -14.95 -6.13 2.24
N GLN A 238 -14.52 -6.20 3.51
CA GLN A 238 -13.12 -6.40 3.84
C GLN A 238 -12.66 -7.79 3.35
N CYS A 239 -13.58 -8.78 3.33
CA CYS A 239 -13.35 -10.14 2.82
C CYS A 239 -12.98 -10.09 1.34
N SER A 240 -13.79 -9.37 0.55
CA SER A 240 -13.51 -9.17 -0.87
C SER A 240 -12.18 -8.46 -1.04
N LYS A 241 -11.90 -7.42 -0.22
CA LYS A 241 -10.63 -6.67 -0.33
C LYS A 241 -9.43 -7.57 -0.05
N GLN A 242 -9.49 -8.39 1.02
CA GLN A 242 -8.39 -9.32 1.34
C GLN A 242 -8.09 -10.29 0.15
N SER A 243 -9.15 -10.90 -0.42
CA SER A 243 -9.04 -11.85 -1.53
C SER A 243 -8.48 -11.21 -2.80
N ILE A 244 -9.02 -10.03 -3.17
CA ILE A 244 -8.59 -9.33 -4.38
C ILE A 244 -7.14 -8.85 -4.23
N TYR A 245 -6.80 -8.33 -3.05
CA TYR A 245 -5.45 -7.84 -2.76
C TYR A 245 -4.35 -8.92 -2.81
N LYS A 246 -4.71 -10.21 -2.67
CA LYS A 246 -3.71 -11.29 -2.72
C LYS A 246 -3.02 -11.37 -4.07
N THR A 247 -3.75 -11.04 -5.15
CA THR A 247 -3.27 -11.17 -6.52
C THR A 247 -3.37 -9.91 -7.37
N ILE A 248 -4.13 -8.87 -6.92
CA ILE A 248 -4.30 -7.67 -7.74
C ILE A 248 -3.01 -7.11 -8.35
N GLU A 249 -1.95 -6.92 -7.52
CA GLU A 249 -0.67 -6.36 -8.01
C GLU A 249 0.03 -7.24 -9.03
N SER A 250 0.08 -8.58 -8.77
CA SER A 250 0.67 -9.57 -9.69
C SER A 250 -0.11 -9.63 -11.02
N LYS A 251 -1.46 -9.56 -10.97
CA LYS A 251 -2.28 -9.54 -12.19
C LYS A 251 -2.12 -8.22 -12.92
N ALA A 252 -2.02 -7.10 -12.18
CA ALA A 252 -1.82 -5.78 -12.77
C ALA A 252 -0.53 -5.76 -13.59
N GLN A 253 0.55 -6.34 -13.03
CA GLN A 253 1.81 -6.42 -13.79
C GLN A 253 1.69 -7.31 -15.02
N GLU A 254 0.84 -8.34 -14.93
CA GLU A 254 0.61 -9.28 -16.02
C GLU A 254 -0.19 -8.72 -17.20
N CYS A 255 -1.35 -8.05 -16.97
CA CYS A 255 -2.15 -7.61 -18.12
C CYS A 255 -2.83 -6.24 -18.02
N PHE A 256 -2.66 -5.55 -16.91
CA PHE A 256 -3.28 -4.21 -16.78
C PHE A 256 -2.51 -3.13 -17.56
N GLN A 257 -3.22 -2.11 -18.02
CA GLN A 257 -2.67 -1.02 -18.83
C GLN A 257 -2.86 0.35 -18.15
N GLU A 258 -2.40 1.42 -18.82
CA GLU A 258 -2.58 2.76 -18.28
C GLU A 258 -4.00 3.20 -18.58
N ARG A 259 -4.63 3.94 -17.65
CA ARG A 259 -5.96 4.50 -17.84
C ARG A 259 -5.90 5.46 -19.05
N SER A 260 -6.73 5.20 -20.09
CA SER A 260 -6.78 5.99 -21.33
C SER A 260 -7.54 7.31 -21.15
N PRO B 6 36.00 24.17 22.17
CA PRO B 6 35.80 25.58 21.81
C PRO B 6 35.74 25.80 20.29
N MET B 7 36.71 25.25 19.55
CA MET B 7 36.77 25.34 18.09
C MET B 7 36.06 24.12 17.49
N LYS B 8 36.36 22.92 18.02
CA LYS B 8 35.79 21.63 17.62
C LYS B 8 34.42 21.48 18.32
N ASN B 9 33.39 22.11 17.74
CA ASN B 9 32.04 22.17 18.33
C ASN B 9 30.93 21.53 17.50
N THR B 10 31.28 20.91 16.38
CA THR B 10 30.33 20.33 15.46
C THR B 10 30.52 18.86 15.19
N CYS B 11 29.43 18.11 15.37
CA CYS B 11 29.38 16.70 15.01
C CYS B 11 28.92 16.63 13.56
N LYS B 12 29.83 16.21 12.65
CA LYS B 12 29.46 16.11 11.23
C LYS B 12 28.66 14.87 11.00
N LEU B 13 27.62 15.00 10.16
CA LEU B 13 26.71 13.91 9.89
C LEU B 13 26.71 13.39 8.49
N LEU B 14 26.61 12.08 8.38
CA LEU B 14 26.31 11.43 7.13
C LEU B 14 24.81 11.24 7.23
N VAL B 15 24.06 11.88 6.34
CA VAL B 15 22.62 11.72 6.33
C VAL B 15 22.21 10.80 5.19
N VAL B 16 21.49 9.72 5.50
CA VAL B 16 21.05 8.76 4.48
C VAL B 16 19.55 8.70 4.44
N ALA B 17 18.97 8.90 3.24
CA ALA B 17 17.53 8.79 3.04
C ALA B 17 17.30 7.53 2.22
N ASP B 18 16.47 6.61 2.71
CA ASP B 18 16.22 5.36 1.97
C ASP B 18 15.17 5.53 0.86
N HIS B 19 14.85 4.42 0.14
CA HIS B 19 13.86 4.45 -0.94
C HIS B 19 12.46 4.78 -0.44
N ARG B 20 12.13 4.40 0.82
CA ARG B 20 10.83 4.68 1.44
C ARG B 20 10.67 6.16 1.72
N PHE B 21 11.74 6.82 2.22
CA PHE B 21 11.76 8.25 2.52
C PHE B 21 11.68 9.05 1.21
N TYR B 22 12.55 8.74 0.22
CA TYR B 22 12.56 9.39 -1.10
C TYR B 22 11.20 9.32 -1.79
N ARG B 23 10.57 8.13 -1.80
CA ARG B 23 9.28 7.90 -2.44
C ARG B 23 8.09 8.51 -1.72
N TYR B 24 8.00 8.32 -0.40
CA TYR B 24 6.83 8.78 0.36
C TYR B 24 6.92 10.14 1.07
N MET B 25 8.14 10.70 1.22
CA MET B 25 8.34 12.00 1.88
C MET B 25 8.88 13.05 0.92
N GLY B 26 9.78 12.62 0.04
CA GLY B 26 10.38 13.48 -0.97
C GLY B 26 9.65 13.46 -2.31
N ARG B 27 8.46 12.79 -2.36
CA ARG B 27 7.56 12.66 -3.53
C ARG B 27 8.27 12.18 -4.82
N GLY B 28 9.32 11.38 -4.65
CA GLY B 28 10.12 10.85 -5.74
C GLY B 28 11.06 11.87 -6.36
N GLU B 29 11.29 13.00 -5.65
CA GLU B 29 12.16 14.09 -6.10
C GLU B 29 13.39 14.22 -5.21
N GLU B 30 14.57 14.34 -5.83
CA GLU B 30 15.86 14.47 -5.17
C GLU B 30 15.92 15.77 -4.36
N SER B 31 15.46 16.89 -4.95
CA SER B 31 15.45 18.21 -4.34
C SER B 31 14.54 18.29 -3.10
N THR B 32 13.31 17.73 -3.19
CA THR B 32 12.33 17.74 -2.10
C THR B 32 12.85 16.97 -0.89
N THR B 33 13.46 15.79 -1.13
CA THR B 33 14.04 14.93 -0.08
C THR B 33 15.16 15.69 0.62
N THR B 34 16.13 16.21 -0.17
CA THR B 34 17.31 16.98 0.24
C THR B 34 16.89 18.23 1.03
N ASN B 35 15.88 18.96 0.52
CA ASN B 35 15.42 20.19 1.20
C ASN B 35 14.81 19.90 2.55
N TYR B 36 13.97 18.85 2.64
CA TYR B 36 13.33 18.46 3.89
C TYR B 36 14.42 18.17 4.95
N LEU B 37 15.42 17.35 4.58
CA LEU B 37 16.51 16.97 5.47
C LEU B 37 17.45 18.08 5.86
N ILE B 38 17.80 19.01 4.92
CA ILE B 38 18.65 20.16 5.24
C ILE B 38 17.95 21.02 6.28
N GLU B 39 16.66 21.37 6.04
CA GLU B 39 15.90 22.23 6.96
C GLU B 39 15.71 21.54 8.31
N LEU B 40 15.40 20.21 8.32
CA LEU B 40 15.23 19.47 9.59
C LEU B 40 16.52 19.52 10.43
N ILE B 41 17.67 19.18 9.82
CA ILE B 41 18.96 19.22 10.52
C ILE B 41 19.30 20.61 11.04
N ASP B 42 19.00 21.67 10.23
CA ASP B 42 19.24 23.04 10.67
C ASP B 42 18.37 23.39 11.92
N ARG B 43 17.08 22.97 11.95
CA ARG B 43 16.24 23.23 13.14
C ARG B 43 16.72 22.39 14.33
N VAL B 44 17.12 21.11 14.13
CA VAL B 44 17.62 20.24 15.22
C VAL B 44 18.89 20.90 15.77
N ASP B 45 19.75 21.38 14.86
CA ASP B 45 20.98 22.09 15.25
C ASP B 45 20.70 23.32 16.14
N ASP B 46 19.64 24.10 15.85
CA ASP B 46 19.29 25.27 16.68
C ASP B 46 19.04 24.86 18.13
N ILE B 47 18.39 23.69 18.32
CA ILE B 47 18.10 23.14 19.67
C ILE B 47 19.43 22.83 20.36
N TYR B 48 20.31 22.08 19.69
CA TYR B 48 21.63 21.75 20.20
C TYR B 48 22.51 22.95 20.51
N ARG B 49 22.62 23.91 19.57
CA ARG B 49 23.46 25.12 19.76
C ARG B 49 23.06 25.98 20.95
N ASN B 50 21.76 26.12 21.20
CA ASN B 50 21.22 26.94 22.28
C ASN B 50 21.33 26.23 23.63
N THR B 51 21.75 24.97 23.65
CA THR B 51 21.84 24.22 24.92
C THR B 51 23.16 24.46 25.63
N ALA B 52 23.09 24.96 26.86
CA ALA B 52 24.26 25.17 27.71
C ALA B 52 24.35 23.93 28.58
N TRP B 53 25.23 23.01 28.18
CA TRP B 53 25.40 21.71 28.81
C TRP B 53 25.76 21.73 30.30
N ASP B 54 26.27 22.87 30.82
CA ASP B 54 26.66 23.11 32.22
C ASP B 54 25.80 24.19 32.91
N ASN B 55 24.71 24.62 32.22
CA ASN B 55 23.76 25.65 32.66
C ASN B 55 24.33 27.07 32.78
N ALA B 56 25.53 27.28 32.24
CA ALA B 56 26.23 28.56 32.21
C ALA B 56 26.47 28.94 30.75
N GLY B 57 27.72 28.86 30.30
CA GLY B 57 28.11 29.23 28.95
C GLY B 57 28.78 28.15 28.12
N PHE B 58 28.64 26.87 28.52
CA PHE B 58 29.20 25.79 27.72
C PHE B 58 28.13 25.38 26.69
N LYS B 59 27.98 26.23 25.67
CA LYS B 59 27.02 26.11 24.59
C LYS B 59 27.67 26.27 23.21
N GLY B 60 26.84 26.31 22.16
CA GLY B 60 27.33 26.46 20.80
C GLY B 60 27.81 25.16 20.20
N TYR B 61 27.42 24.01 20.80
CA TYR B 61 27.74 22.68 20.28
C TYR B 61 26.54 22.16 19.47
N GLY B 62 26.78 21.56 18.32
CA GLY B 62 25.71 21.09 17.47
C GLY B 62 26.14 20.12 16.39
N ILE B 63 25.39 20.13 15.30
CA ILE B 63 25.54 19.20 14.20
C ILE B 63 25.57 19.94 12.88
N GLN B 64 25.96 19.24 11.82
CA GLN B 64 26.02 19.81 10.48
C GLN B 64 26.04 18.66 9.52
N ILE B 65 25.25 18.73 8.44
CA ILE B 65 25.28 17.68 7.43
C ILE B 65 26.63 17.77 6.71
N GLU B 66 27.35 16.65 6.64
CA GLU B 66 28.61 16.59 5.89
C GLU B 66 28.31 16.11 4.48
N GLN B 67 27.45 15.09 4.35
CA GLN B 67 27.04 14.50 3.08
C GLN B 67 25.64 13.92 3.17
N ILE B 68 24.83 14.11 2.11
CA ILE B 68 23.49 13.58 1.99
C ILE B 68 23.53 12.50 0.92
N ARG B 69 23.09 11.28 1.25
CA ARG B 69 23.02 10.21 0.26
C ARG B 69 21.58 9.75 0.16
N ILE B 70 20.94 10.04 -0.98
CA ILE B 70 19.56 9.64 -1.22
C ILE B 70 19.59 8.37 -2.07
N LEU B 71 18.89 7.33 -1.59
CA LEU B 71 18.79 6.04 -2.28
C LEU B 71 17.44 6.04 -2.95
N LYS B 72 17.44 6.37 -4.26
CA LYS B 72 16.24 6.50 -5.11
C LYS B 72 15.45 5.18 -5.25
N SER B 73 16.18 4.06 -5.45
CA SER B 73 15.60 2.73 -5.65
C SER B 73 15.98 1.74 -4.53
N PRO B 74 15.20 0.64 -4.31
CA PRO B 74 15.59 -0.35 -3.29
C PRO B 74 16.85 -1.12 -3.68
N GLN B 75 17.52 -1.74 -2.69
CA GLN B 75 18.72 -2.52 -2.96
C GLN B 75 18.37 -3.95 -3.42
N GLU B 76 19.05 -4.39 -4.49
CA GLU B 76 18.89 -5.73 -5.07
C GLU B 76 19.66 -6.70 -4.18
N VAL B 77 18.93 -7.63 -3.53
CA VAL B 77 19.50 -8.61 -2.60
C VAL B 77 19.52 -10.06 -3.12
N LYS B 78 20.60 -10.80 -2.79
CA LYS B 78 20.75 -12.22 -3.10
C LYS B 78 19.80 -13.03 -2.17
N PRO B 79 19.46 -14.32 -2.46
CA PRO B 79 18.49 -15.03 -1.57
C PRO B 79 18.94 -15.13 -0.12
N GLY B 80 18.03 -14.79 0.80
CA GLY B 80 18.29 -14.81 2.23
C GLY B 80 19.17 -13.68 2.74
N GLU B 81 19.92 -13.02 1.82
CA GLU B 81 20.79 -11.86 2.11
C GLU B 81 19.90 -10.65 2.39
N LYS B 82 20.35 -9.76 3.29
CA LYS B 82 19.60 -8.56 3.65
C LYS B 82 20.39 -7.25 3.50
N HIS B 83 19.67 -6.12 3.38
CA HIS B 83 20.21 -4.76 3.25
C HIS B 83 19.17 -3.81 3.83
N TYR B 84 19.62 -2.73 4.51
CA TYR B 84 18.69 -1.76 5.12
C TYR B 84 17.76 -1.09 4.09
N ASN B 85 18.25 -0.95 2.85
CA ASN B 85 17.52 -0.33 1.75
C ASN B 85 16.78 -1.34 0.84
N MET B 86 16.65 -2.61 1.25
CA MET B 86 15.92 -3.60 0.44
C MET B 86 14.42 -3.30 0.42
N ALA B 87 13.72 -3.76 -0.62
CA ALA B 87 12.30 -3.49 -0.80
C ALA B 87 11.42 -4.07 0.29
N LYS B 88 11.72 -5.31 0.70
CA LYS B 88 10.94 -6.00 1.73
C LYS B 88 11.40 -5.66 3.14
N SER B 89 10.48 -5.74 4.10
CA SER B 89 10.74 -5.53 5.52
C SER B 89 11.38 -6.82 6.05
N TYR B 90 12.11 -6.73 7.17
CA TYR B 90 12.73 -7.90 7.79
C TYR B 90 12.53 -7.83 9.32
N PRO B 91 12.14 -8.91 10.02
CA PRO B 91 11.87 -10.28 9.52
C PRO B 91 10.52 -10.51 8.84
N ASN B 92 9.45 -9.85 9.30
CA ASN B 92 8.11 -10.02 8.73
C ASN B 92 7.94 -9.19 7.44
N GLU B 93 8.02 -9.88 6.28
CA GLU B 93 7.84 -9.32 4.93
C GLU B 93 6.44 -8.72 4.78
N GLU B 94 5.44 -9.37 5.43
CA GLU B 94 4.02 -8.99 5.47
C GLU B 94 3.83 -7.59 6.06
N LYS B 95 4.55 -7.28 7.15
CA LYS B 95 4.49 -5.98 7.83
C LYS B 95 5.14 -4.86 6.99
N ASP B 96 4.67 -3.62 7.20
CA ASP B 96 5.16 -2.43 6.51
C ASP B 96 6.63 -2.12 6.90
N ALA B 97 6.98 -2.39 8.16
CA ALA B 97 8.27 -2.07 8.76
C ALA B 97 9.09 -3.24 9.28
N TRP B 98 10.41 -3.03 9.35
CA TRP B 98 11.39 -3.92 9.93
C TRP B 98 11.24 -3.91 11.45
N ASP B 99 11.92 -4.85 12.12
CA ASP B 99 12.04 -4.82 13.58
C ASP B 99 13.10 -3.69 13.70
N VAL B 100 12.77 -2.60 14.40
CA VAL B 100 13.65 -1.42 14.50
C VAL B 100 15.12 -1.71 14.86
N LYS B 101 15.34 -2.61 15.84
CA LYS B 101 16.67 -2.97 16.35
C LYS B 101 17.50 -3.62 15.27
N MET B 102 16.90 -4.58 14.58
CA MET B 102 17.53 -5.31 13.48
C MET B 102 17.84 -4.34 12.33
N LEU B 103 16.90 -3.41 12.03
CA LEU B 103 17.14 -2.39 11.00
C LEU B 103 18.36 -1.50 11.31
N LEU B 104 18.48 -0.99 12.56
CA LEU B 104 19.61 -0.15 12.93
C LEU B 104 20.92 -0.94 12.85
N GLU B 105 20.92 -2.21 13.29
CA GLU B 105 22.14 -3.01 13.19
C GLU B 105 22.49 -3.23 11.70
N GLN B 106 21.44 -3.51 10.86
CA GLN B 106 21.63 -3.71 9.41
C GLN B 106 22.19 -2.47 8.75
N PHE B 107 21.66 -1.29 9.10
CA PHE B 107 22.13 -0.02 8.57
C PHE B 107 23.60 0.21 8.94
N SER B 108 23.96 -0.01 10.22
CA SER B 108 25.31 0.13 10.77
C SER B 108 26.29 -0.80 10.02
N PHE B 109 25.84 -2.03 9.69
CA PHE B 109 26.64 -3.01 8.94
C PHE B 109 26.96 -2.49 7.53
N ASP B 110 25.91 -2.19 6.74
CA ASP B 110 26.02 -1.71 5.36
C ASP B 110 26.77 -0.38 5.18
N ILE B 111 26.58 0.57 6.12
CA ILE B 111 27.20 1.90 6.06
C ILE B 111 28.55 1.99 6.74
N ALA B 112 29.06 0.85 7.28
CA ALA B 112 30.31 0.81 8.04
C ALA B 112 31.49 1.62 7.46
N GLU B 113 31.82 1.42 6.16
CA GLU B 113 32.92 2.12 5.49
C GLU B 113 32.73 3.63 5.57
N GLU B 114 31.52 4.11 5.26
CA GLU B 114 31.16 5.53 5.34
C GLU B 114 31.13 6.04 6.80
N ALA B 115 30.47 5.28 7.73
CA ALA B 115 30.37 5.60 9.16
C ALA B 115 31.72 5.81 9.85
N SER B 116 32.75 5.06 9.41
CA SER B 116 34.11 5.18 9.96
C SER B 116 34.73 6.55 9.75
N LYS B 117 34.23 7.30 8.75
CA LYS B 117 34.78 8.61 8.38
C LYS B 117 33.97 9.79 8.92
N VAL B 118 32.82 9.55 9.60
CA VAL B 118 31.95 10.63 10.14
C VAL B 118 31.69 10.51 11.63
N CYS B 119 31.39 11.65 12.30
CA CYS B 119 31.04 11.71 13.72
C CYS B 119 29.80 10.82 13.96
N LEU B 120 28.77 10.98 13.09
CA LEU B 120 27.54 10.20 13.14
C LEU B 120 26.97 9.95 11.77
N ALA B 121 26.27 8.83 11.63
CA ALA B 121 25.49 8.47 10.45
C ALA B 121 24.04 8.36 10.89
N HIS B 122 23.11 8.97 10.13
CA HIS B 122 21.70 8.94 10.48
C HIS B 122 20.85 8.49 9.33
N LEU B 123 20.02 7.47 9.58
CA LEU B 123 19.13 6.96 8.55
C LEU B 123 17.73 7.57 8.66
N PHE B 124 17.21 8.12 7.55
CA PHE B 124 15.84 8.63 7.48
C PHE B 124 15.05 7.67 6.62
N THR B 125 13.99 7.12 7.20
CA THR B 125 13.13 6.16 6.54
C THR B 125 11.65 6.54 6.70
N TYR B 126 10.75 5.75 6.10
CA TYR B 126 9.30 5.91 6.18
C TYR B 126 8.72 4.52 6.43
N GLN B 127 8.77 4.08 7.71
CA GLN B 127 8.30 2.75 8.15
C GLN B 127 7.46 2.87 9.41
N ASP B 128 6.35 2.13 9.48
CA ASP B 128 5.48 2.15 10.65
C ASP B 128 5.89 1.05 11.63
N PHE B 129 6.84 1.37 12.52
CA PHE B 129 7.33 0.39 13.51
C PHE B 129 6.24 0.12 14.54
N ASP B 130 6.22 -1.10 15.09
CA ASP B 130 5.25 -1.50 16.10
C ASP B 130 5.41 -0.68 17.37
N MET B 131 4.33 -0.64 18.18
CA MET B 131 4.24 0.02 19.49
C MET B 131 4.57 1.52 19.50
N GLY B 132 4.35 2.19 18.37
CA GLY B 132 4.60 3.62 18.22
C GLY B 132 6.04 4.07 18.33
N THR B 133 7.00 3.18 18.02
CA THR B 133 8.43 3.50 18.00
C THR B 133 8.66 4.40 16.78
N LEU B 134 9.44 5.47 16.94
CA LEU B 134 9.71 6.42 15.85
C LEU B 134 11.18 6.46 15.43
N GLY B 135 12.04 5.92 16.28
CA GLY B 135 13.46 5.86 15.96
C GLY B 135 14.26 5.01 16.91
N LEU B 136 15.56 4.96 16.68
CA LEU B 136 16.49 4.17 17.51
C LEU B 136 17.88 4.69 17.27
N ALA B 137 18.73 4.64 18.31
CA ALA B 137 20.12 5.14 18.24
C ALA B 137 21.00 4.48 19.31
N TYR B 138 22.30 4.38 19.05
CA TYR B 138 23.20 3.79 20.05
C TYR B 138 23.77 4.91 20.91
N GLY B 139 24.19 4.56 22.12
CA GLY B 139 24.84 5.52 22.98
C GLY B 139 24.22 5.75 24.33
N GLY B 140 22.97 5.29 24.50
CA GLY B 140 22.24 5.43 25.75
C GLY B 140 21.60 4.14 26.26
N SER B 141 22.03 2.98 25.72
CA SER B 141 21.52 1.65 26.13
C SER B 141 22.68 0.63 26.36
N PRO B 142 22.70 -0.20 27.44
CA PRO B 142 21.66 -0.37 28.49
C PRO B 142 21.67 0.68 29.60
N ARG B 143 22.58 1.67 29.50
CA ARG B 143 22.72 2.81 30.42
C ARG B 143 23.27 4.03 29.63
N ALA B 144 23.32 5.20 30.28
CA ALA B 144 23.85 6.43 29.70
C ALA B 144 25.34 6.24 29.40
N ASN B 145 25.84 6.88 28.31
CA ASN B 145 27.25 6.84 27.90
C ASN B 145 27.76 5.40 27.70
N SER B 146 26.94 4.57 27.01
CA SER B 146 27.32 3.18 26.74
C SER B 146 27.95 3.06 25.34
N HIS B 147 28.16 1.82 24.84
CA HIS B 147 28.75 1.55 23.52
C HIS B 147 28.08 2.35 22.43
N GLY B 148 28.88 3.00 21.60
CA GLY B 148 28.34 3.75 20.49
C GLY B 148 28.07 5.22 20.70
N GLY B 149 27.30 5.79 19.79
CA GLY B 149 27.04 7.22 19.81
C GLY B 149 28.15 7.95 19.09
N VAL B 150 28.33 9.26 19.37
CA VAL B 150 29.30 10.12 18.69
C VAL B 150 30.72 9.55 18.59
N CYS B 151 31.37 9.77 17.45
CA CYS B 151 32.75 9.36 17.12
C CYS B 151 32.90 7.91 16.78
N PRO B 152 33.41 7.61 15.57
CA PRO B 152 33.54 6.20 15.17
C PRO B 152 34.61 5.43 15.95
N LYS B 153 34.21 4.25 16.43
CA LYS B 153 35.04 3.31 17.18
C LYS B 153 34.63 1.97 16.66
N ALA B 154 35.59 1.18 16.16
CA ALA B 154 35.23 -0.10 15.57
C ALA B 154 34.84 -1.12 16.62
N TYR B 155 33.85 -1.96 16.28
CA TYR B 155 33.33 -3.11 17.03
C TYR B 155 33.28 -4.23 16.05
N TYR B 156 34.02 -5.33 16.30
CA TYR B 156 34.01 -6.44 15.37
C TYR B 156 32.72 -7.21 15.42
N SER B 157 32.03 -7.33 14.28
CA SER B 157 30.80 -8.09 14.15
C SER B 157 31.19 -9.51 13.71
N PRO B 158 31.19 -10.50 14.63
CA PRO B 158 31.60 -11.87 14.24
C PRO B 158 30.77 -12.47 13.12
N VAL B 159 29.43 -12.27 13.12
CA VAL B 159 28.53 -12.74 12.05
C VAL B 159 28.81 -11.96 10.73
N GLY B 160 29.01 -10.65 10.84
CA GLY B 160 29.29 -9.78 9.70
C GLY B 160 30.66 -9.96 9.10
N LYS B 161 31.57 -10.61 9.87
CA LYS B 161 32.96 -10.91 9.51
C LYS B 161 33.75 -9.65 9.16
N LYS B 162 33.45 -8.53 9.87
CA LYS B 162 34.07 -7.23 9.67
C LYS B 162 33.72 -6.26 10.79
N ASN B 163 34.50 -5.16 10.91
CA ASN B 163 34.25 -4.11 11.87
C ASN B 163 33.02 -3.31 11.47
N ILE B 164 32.22 -2.93 12.47
CA ILE B 164 31.05 -2.08 12.27
C ILE B 164 31.23 -0.90 13.22
N TYR B 165 30.37 0.11 13.11
CA TYR B 165 30.49 1.28 13.97
C TYR B 165 29.12 1.55 14.55
N LEU B 166 29.08 1.97 15.81
CA LEU B 166 27.84 2.22 16.53
C LEU B 166 27.56 3.73 16.65
N ASN B 167 28.12 4.53 15.72
CA ASN B 167 27.92 5.98 15.70
C ASN B 167 26.73 6.25 14.78
N SER B 168 25.61 5.57 15.05
CA SER B 168 24.45 5.60 14.17
C SER B 168 23.10 5.71 14.86
N GLY B 169 22.11 6.07 14.07
CA GLY B 169 20.76 6.20 14.55
C GLY B 169 19.81 6.30 13.39
N LEU B 170 18.52 6.16 13.65
CA LEU B 170 17.52 6.26 12.60
C LEU B 170 16.29 6.99 13.07
N THR B 171 15.58 7.62 12.11
CA THR B 171 14.33 8.35 12.29
C THR B 171 13.34 7.85 11.22
N SER B 172 12.11 7.56 11.62
CA SER B 172 11.03 7.24 10.70
C SER B 172 10.01 8.37 10.78
N THR B 173 9.43 8.76 9.63
CA THR B 173 8.38 9.80 9.62
C THR B 173 6.97 9.26 9.49
N LYS B 174 6.80 7.93 9.63
CA LYS B 174 5.52 7.22 9.58
C LYS B 174 5.17 6.65 10.97
N ASN B 175 3.92 6.81 11.39
CA ASN B 175 3.44 6.26 12.64
C ASN B 175 1.93 6.10 12.55
N TYR B 176 1.43 4.94 12.97
CA TYR B 176 -0.01 4.61 12.94
C TYR B 176 -0.68 4.94 11.60
N GLY B 177 -0.05 4.51 10.51
CA GLY B 177 -0.53 4.66 9.14
C GLY B 177 -0.42 6.01 8.47
N LYS B 178 0.04 7.06 9.18
CA LYS B 178 0.13 8.39 8.59
C LYS B 178 1.49 9.07 8.78
N THR B 179 1.82 10.05 7.91
CA THR B 179 3.04 10.86 8.01
C THR B 179 2.93 11.70 9.29
N ILE B 180 4.01 11.74 10.11
CA ILE B 180 3.98 12.54 11.33
C ILE B 180 4.20 14.01 11.00
N LEU B 181 3.82 14.89 11.92
CA LEU B 181 4.05 16.33 11.71
C LEU B 181 5.55 16.64 11.68
N THR B 182 5.96 17.60 10.85
CA THR B 182 7.36 18.02 10.77
C THR B 182 7.92 18.35 12.17
N LYS B 183 7.11 19.05 13.03
CA LYS B 183 7.50 19.38 14.40
C LYS B 183 7.79 18.13 15.26
N GLU B 184 7.05 17.04 15.03
CA GLU B 184 7.23 15.73 15.69
C GLU B 184 8.51 15.10 15.15
N ALA B 185 8.70 15.11 13.78
CA ALA B 185 9.90 14.56 13.11
C ALA B 185 11.18 15.19 13.69
N ASP B 186 11.18 16.54 13.84
CA ASP B 186 12.32 17.27 14.40
C ASP B 186 12.68 16.72 15.76
N LEU B 187 11.67 16.40 16.57
CA LEU B 187 11.92 15.88 17.90
C LEU B 187 12.37 14.44 17.95
N VAL B 188 11.97 13.61 16.96
CA VAL B 188 12.42 12.21 16.85
C VAL B 188 13.93 12.24 16.65
N THR B 189 14.39 13.00 15.65
CA THR B 189 15.81 13.15 15.34
C THR B 189 16.58 13.79 16.52
N THR B 190 16.03 14.84 17.17
CA THR B 190 16.68 15.48 18.35
C THR B 190 16.91 14.41 19.44
N HIS B 191 15.85 13.62 19.73
CA HIS B 191 15.87 12.55 20.74
C HIS B 191 16.90 11.47 20.37
N GLU B 192 16.90 11.00 19.13
CA GLU B 192 17.84 9.95 18.69
C GLU B 192 19.28 10.45 18.76
N LEU B 193 19.53 11.68 18.28
CA LEU B 193 20.87 12.26 18.39
C LEU B 193 21.21 12.46 19.87
N GLY B 194 20.19 12.70 20.71
CA GLY B 194 20.40 12.84 22.15
C GLY B 194 20.99 11.56 22.72
N HIS B 195 20.48 10.36 22.32
CA HIS B 195 21.07 9.07 22.72
C HIS B 195 22.49 8.97 22.18
N ASN B 196 22.71 9.38 20.90
CA ASN B 196 24.05 9.39 20.30
C ASN B 196 25.00 10.29 21.07
N PHE B 197 24.49 11.40 21.65
CA PHE B 197 25.30 12.30 22.46
C PHE B 197 25.51 11.74 23.88
N GLY B 198 24.97 10.56 24.16
CA GLY B 198 25.12 9.85 25.42
C GLY B 198 24.00 9.93 26.44
N ALA B 199 22.88 10.60 26.11
CA ALA B 199 21.76 10.71 27.05
C ALA B 199 20.91 9.46 27.10
N GLU B 200 20.38 9.14 28.30
CA GLU B 200 19.43 8.05 28.44
C GLU B 200 18.06 8.73 28.57
N HIS B 201 16.99 7.95 28.68
CA HIS B 201 15.66 8.55 28.87
C HIS B 201 15.56 9.25 30.22
N ASP B 202 14.75 10.30 30.26
CA ASP B 202 14.41 11.05 31.47
C ASP B 202 13.50 10.14 32.30
N PRO B 203 13.38 10.33 33.63
CA PRO B 203 12.44 9.47 34.38
C PRO B 203 10.98 9.75 33.97
N ASP B 204 10.08 8.75 34.07
CA ASP B 204 8.66 8.95 33.74
C ASP B 204 7.92 9.65 34.90
N GLY B 205 6.74 10.19 34.59
CA GLY B 205 5.88 10.84 35.58
C GLY B 205 6.31 12.25 35.95
N LEU B 206 6.54 12.48 37.25
CA LEU B 206 6.92 13.81 37.73
C LEU B 206 8.24 13.75 38.47
N ALA B 207 9.19 14.58 38.04
CA ALA B 207 10.52 14.66 38.61
C ALA B 207 11.14 15.95 38.14
N GLU B 208 12.34 16.27 38.64
CA GLU B 208 13.08 17.46 38.24
C GLU B 208 13.23 17.43 36.70
N CYS B 209 13.46 16.24 36.15
CA CYS B 209 13.66 16.02 34.72
C CYS B 209 12.44 15.63 33.92
N ALA B 210 11.24 15.70 34.53
CA ALA B 210 9.97 15.43 33.87
C ALA B 210 8.94 16.38 34.52
N PRO B 211 9.05 17.71 34.23
CA PRO B 211 8.12 18.67 34.84
C PRO B 211 6.66 18.48 34.43
N ASN B 212 5.73 19.11 35.18
CA ASN B 212 4.30 19.06 34.84
C ASN B 212 4.03 20.02 33.66
N GLU B 213 2.83 19.93 33.07
CA GLU B 213 2.34 20.75 31.96
C GLU B 213 2.45 22.27 32.28
N ASP B 214 2.17 22.68 33.54
CA ASP B 214 2.25 24.07 33.98
C ASP B 214 3.70 24.59 33.95
N GLN B 215 4.68 23.70 34.17
CA GLN B 215 6.11 24.05 34.17
C GLN B 215 6.80 23.94 32.78
N GLY B 216 6.02 23.63 31.75
CA GLY B 216 6.53 23.52 30.38
C GLY B 216 6.38 22.17 29.73
N GLY B 217 6.07 21.15 30.54
CA GLY B 217 5.90 19.80 30.04
C GLY B 217 7.21 19.03 30.05
N LYS B 218 7.22 17.88 29.39
CA LYS B 218 8.40 17.00 29.39
C LYS B 218 9.50 17.49 28.44
N TYR B 219 10.73 17.06 28.72
CA TYR B 219 11.91 17.37 27.92
C TYR B 219 12.06 16.34 26.80
N VAL B 220 12.86 16.65 25.77
CA VAL B 220 13.00 15.81 24.58
C VAL B 220 13.36 14.31 24.84
N MET B 221 14.13 14.03 25.91
CA MET B 221 14.54 12.66 26.21
C MET B 221 13.48 11.87 27.00
N TYR B 222 12.24 12.41 27.07
CA TYR B 222 11.17 11.69 27.74
C TYR B 222 10.95 10.36 27.00
N PRO B 223 10.69 9.23 27.70
CA PRO B 223 10.53 7.95 27.00
C PRO B 223 9.29 7.80 26.13
N ILE B 224 8.26 8.62 26.33
CA ILE B 224 7.06 8.62 25.50
C ILE B 224 7.21 9.83 24.58
N ALA B 225 7.10 9.61 23.25
CA ALA B 225 7.27 10.66 22.24
C ALA B 225 6.53 11.94 22.55
N VAL B 226 7.30 13.03 22.68
CA VAL B 226 6.73 14.36 22.94
C VAL B 226 6.19 14.94 21.65
N SER B 227 4.94 15.41 21.71
CA SER B 227 4.19 16.01 20.59
C SER B 227 4.85 17.26 19.99
N GLY B 228 5.51 18.08 20.83
CA GLY B 228 6.12 19.33 20.42
C GLY B 228 5.23 20.51 20.78
N ASP B 229 3.99 20.20 21.27
CA ASP B 229 2.94 21.13 21.71
C ASP B 229 3.30 21.96 22.95
N HIS B 230 4.27 21.49 23.76
CA HIS B 230 4.65 22.13 25.02
C HIS B 230 6.07 22.67 24.99
N GLU B 231 6.31 23.75 25.74
CA GLU B 231 7.59 24.48 25.79
C GLU B 231 8.88 23.66 26.00
N ASN B 232 8.89 22.71 26.97
CA ASN B 232 10.10 21.94 27.26
C ASN B 232 10.43 20.84 26.25
N ASN B 233 9.44 20.43 25.44
CA ASN B 233 9.57 19.36 24.44
C ASN B 233 10.76 19.50 23.50
N LYS B 234 11.15 20.74 23.19
CA LYS B 234 12.27 21.11 22.30
C LYS B 234 13.55 21.40 23.10
N MET B 235 13.58 21.00 24.37
CA MET B 235 14.72 21.26 25.26
C MET B 235 15.21 19.98 25.92
N PHE B 236 16.46 20.01 26.41
CA PHE B 236 17.05 18.87 27.13
C PHE B 236 16.91 19.10 28.62
N SER B 237 16.64 18.01 29.39
CA SER B 237 16.54 18.12 30.86
C SER B 237 17.92 18.27 31.49
N GLN B 238 17.99 18.50 32.83
CA GLN B 238 19.26 18.54 33.57
C GLN B 238 19.95 17.17 33.50
N CYS B 239 19.14 16.09 33.60
CA CYS B 239 19.57 14.69 33.51
C CYS B 239 20.28 14.44 32.16
N SER B 240 19.65 14.86 31.05
CA SER B 240 20.27 14.74 29.71
C SER B 240 21.56 15.57 29.63
N LYS B 241 21.52 16.82 30.13
CA LYS B 241 22.66 17.76 30.10
C LYS B 241 23.86 17.18 30.86
N GLN B 242 23.61 16.58 32.03
CA GLN B 242 24.62 15.94 32.87
C GLN B 242 25.31 14.77 32.12
N SER B 243 24.54 13.91 31.39
CA SER B 243 25.12 12.79 30.63
C SER B 243 25.87 13.27 29.39
N ILE B 244 25.29 14.23 28.65
CA ILE B 244 25.87 14.74 27.40
C ILE B 244 27.10 15.58 27.71
N TYR B 245 27.08 16.36 28.82
CA TYR B 245 28.23 17.16 29.23
C TYR B 245 29.48 16.28 29.42
N LYS B 246 29.30 15.03 29.93
CA LYS B 246 30.36 14.06 30.10
C LYS B 246 30.88 13.58 28.74
N THR B 247 29.97 13.36 27.76
CA THR B 247 30.32 12.94 26.41
C THR B 247 31.13 14.04 25.68
N ILE B 248 30.58 15.27 25.65
CA ILE B 248 31.19 16.40 24.96
C ILE B 248 32.60 16.68 25.46
N GLU B 249 32.79 16.71 26.79
CA GLU B 249 34.08 16.93 27.45
C GLU B 249 35.16 15.89 27.06
N SER B 250 34.76 14.71 26.54
CA SER B 250 35.71 13.65 26.12
C SER B 250 35.75 13.32 24.62
N LYS B 251 34.62 13.49 23.90
CA LYS B 251 34.48 13.12 22.48
C LYS B 251 34.66 14.26 21.48
N ALA B 252 34.49 15.51 21.92
CA ALA B 252 34.63 16.68 21.04
C ALA B 252 36.05 16.75 20.46
N GLN B 253 37.09 16.54 21.31
CA GLN B 253 38.48 16.56 20.89
C GLN B 253 38.75 15.41 19.92
N GLU B 254 38.06 14.26 20.13
CA GLU B 254 38.18 13.06 19.32
C GLU B 254 37.68 13.18 17.87
N CYS B 255 36.45 13.70 17.65
CA CYS B 255 35.89 13.72 16.29
C CYS B 255 35.08 14.95 15.91
N PHE B 256 34.86 15.89 16.84
CA PHE B 256 34.08 17.09 16.50
C PHE B 256 34.97 18.06 15.69
N GLN B 257 34.37 18.73 14.71
CA GLN B 257 35.09 19.66 13.83
C GLN B 257 34.52 21.08 13.95
N GLU B 258 35.01 22.00 13.11
CA GLU B 258 34.53 23.37 13.08
C GLU B 258 33.42 23.39 12.04
N ARG B 259 32.59 24.44 12.06
CA ARG B 259 31.51 24.64 11.11
C ARG B 259 32.10 24.89 9.73
ZN ZN C . -21.46 -14.61 -7.46
C0 INN D . -25.32 -14.79 -9.10
C INN D . -23.96 -15.00 -8.76
O INN D . -23.58 -15.14 -7.61
N INN D . -23.23 -14.95 -9.89
O4 INN D . -21.99 -14.44 -9.52
C4 INN D . -27.45 -13.98 -8.41
O1 INN D . -27.91 -13.95 -9.53
CA INN D . -25.92 -13.68 -8.23
CB INN D . -25.41 -12.31 -8.71
C1 INN D . -26.06 -11.21 -7.79
C2 INN D . -25.46 -11.08 -6.39
C3 INN D . -25.81 -9.88 -8.51
N1 INN D . -28.14 -14.29 -7.26
C5 INN D . -29.56 -14.64 -7.27
C6 INN D . -29.78 -16.08 -6.69
C7 INN D . -31.28 -16.38 -6.69
C8 INN D . -29.06 -17.16 -7.61
C9 INN D . -29.26 -16.18 -5.22
C10 INN D . -30.36 -13.51 -6.59
O2 INN D . -30.07 -13.06 -5.47
N2 INN D . -31.42 -13.05 -7.35
C11 INN D . -32.33 -12.00 -6.91
C13 INN D . -33.64 -12.78 -6.87
O3 INN D . -34.11 -13.15 -7.92
C12 INN D . -32.46 -10.89 -7.97
N4 INN D . -36.01 -15.92 -4.53
C15 INN D . -35.73 -14.51 -4.24
C14 INN D . -35.51 -13.75 -5.55
N3 INN D . -34.24 -13.01 -5.63
ZN ZN E . 14.83 6.90 23.20
C1 403 F . 13.90 5.24 21.13
C2 403 F . 14.39 4.19 22.19
C3 403 F . 12.49 5.64 21.55
N4 403 F . 13.71 2.94 22.13
N5 403 F . 12.28 0.46 22.28
C6 403 F . 11.78 6.43 20.44
S8 403 F . 10.63 10.01 22.36
C9 403 F . 10.53 10.53 20.68
O10 403 F . 15.25 4.49 23.07
C11 403 F . 13.09 2.39 20.89
C12 403 F . 14.28 1.87 22.95
C13 403 F . 13.08 1.01 23.42
C14 403 F . 11.88 1.52 21.31
C15 403 F . 10.59 11.70 22.91
O17 403 F . 11.28 5.85 19.48
C18 403 F . 10.49 11.92 20.56
C19 403 F . 10.52 12.58 21.82
N20 403 F . 11.86 7.81 20.54
O21 403 F . 14.83 6.35 21.20
O22 403 F . 12.59 6.33 22.80
C23 403 F . 10.50 9.51 19.55
C25 403 F . 11.78 8.71 19.42
#